data_4HCJ
#
_entry.id   4HCJ
#
_cell.length_a   64.799
_cell.length_b   42.197
_cell.length_c   66.366
_cell.angle_alpha   90.00
_cell.angle_beta   116.95
_cell.angle_gamma   90.00
#
_symmetry.space_group_name_H-M   'C 1 2 1'
#
loop_
_entity.id
_entity.type
_entity.pdbx_description
1 polymer 'ThiJ/PfpI domain protein'
2 non-polymer 'MAGNESIUM ION'
3 non-polymer 'CHLORIDE ION'
4 non-polymer 'FORMIC ACID'
5 water water
#
_entity_poly.entity_id   1
_entity_poly.type   'polypeptide(L)'
_entity_poly.pdbx_seq_one_letter_code
;SNA(MSE)GKTNNILYV(MSE)SGQNFQDEEYFESKKIFESAGYKTKVSSTFIGTAQGKLGG(MSE)TNIDLLFSEVDAV
EFDAVVFVGGIGCITLWDDWRTQGLAKLFLDNQKIVAGIGSGVVI(MSE)ANAKILEEINVTCLSADESHVRHGNANI
(MSE)SENVVVSGNIVTANGPTSSKDFANAVVGVLNSLS
;
_entity_poly.pdbx_strand_id   A
#
loop_
_chem_comp.id
_chem_comp.type
_chem_comp.name
_chem_comp.formula
CL non-polymer 'CHLORIDE ION' 'Cl -1'
FMT non-polymer 'FORMIC ACID' 'C H2 O2'
MG non-polymer 'MAGNESIUM ION' 'Mg 2'
#
# COMPACT_ATOMS: atom_id res chain seq x y z
N GLY A 5 -5.88 -18.78 8.66
CA GLY A 5 -6.44 -18.17 7.46
C GLY A 5 -5.41 -17.41 6.63
N LYS A 6 -4.15 -17.81 6.75
CA LYS A 6 -3.09 -17.17 5.97
C LYS A 6 -3.13 -17.62 4.53
N THR A 7 -2.96 -16.67 3.62
CA THR A 7 -3.17 -16.89 2.20
C THR A 7 -1.91 -16.78 1.35
N ASN A 8 -0.86 -16.16 1.90
CA ASN A 8 0.32 -15.83 1.12
C ASN A 8 0.00 -14.96 -0.10
N ASN A 9 -1.02 -14.10 0.05
CA ASN A 9 -1.42 -13.17 -1.01
C ASN A 9 -1.37 -11.73 -0.49
N ILE A 10 -0.97 -10.81 -1.38
CA ILE A 10 -0.91 -9.38 -1.08
C ILE A 10 -1.72 -8.61 -2.12
N LEU A 11 -2.53 -7.67 -1.66
CA LEU A 11 -3.31 -6.79 -2.52
C LEU A 11 -2.66 -5.42 -2.64
N TYR A 12 -2.50 -4.91 -3.86
CA TYR A 12 -2.18 -3.52 -4.08
C TYR A 12 -3.45 -2.71 -4.31
N VAL A 13 -3.45 -1.47 -3.81
CA VAL A 13 -4.42 -0.45 -4.16
C VAL A 13 -3.64 0.69 -4.80
N MSE A 14 -3.98 1.06 -6.04
CA MSE A 14 -3.24 2.12 -6.71
C MSE A 14 -4.04 2.72 -7.83
O MSE A 14 -5.04 2.15 -8.28
CB MSE A 14 -1.86 1.61 -7.21
CG MSE A 14 -1.92 0.65 -8.38
SE MSE A 14 -0.26 -0.39 -8.36
CE MSE A 14 -0.19 -0.90 -10.20
N SER A 15 -3.62 3.90 -8.26
N SER A 15 -3.60 3.88 -8.27
CA SER A 15 -4.25 4.57 -9.39
CA SER A 15 -4.21 4.55 -9.39
C SER A 15 -3.91 3.87 -10.70
C SER A 15 -3.92 3.80 -10.69
N GLY A 16 -4.90 3.78 -11.58
CA GLY A 16 -4.74 3.12 -12.86
C GLY A 16 -3.81 3.86 -13.79
N GLN A 17 -3.67 5.16 -13.61
N GLN A 17 -3.69 5.17 -13.59
CA GLN A 17 -2.66 5.89 -14.35
CA GLN A 17 -2.76 6.03 -14.32
C GLN A 17 -1.82 6.70 -13.39
C GLN A 17 -1.81 6.67 -13.31
N ASN A 18 -0.54 6.77 -13.68
CA ASN A 18 0.42 7.56 -12.93
C ASN A 18 0.66 7.09 -11.50
N PHE A 19 0.54 5.78 -11.27
CA PHE A 19 1.07 5.21 -10.05
C PHE A 19 2.61 5.27 -10.09
N GLN A 20 3.23 5.19 -8.92
CA GLN A 20 4.67 5.30 -8.83
C GLN A 20 5.32 3.97 -9.21
N ASP A 21 5.95 3.92 -10.39
CA ASP A 21 6.44 2.65 -10.90
C ASP A 21 7.32 1.89 -9.91
N GLU A 22 8.31 2.56 -9.31
CA GLU A 22 9.27 1.83 -8.51
C GLU A 22 8.61 1.18 -7.31
N GLU A 23 7.66 1.90 -6.73
CA GLU A 23 6.98 1.42 -5.52
C GLU A 23 6.26 0.12 -5.80
N TYR A 24 5.61 0.04 -6.97
CA TYR A 24 4.93 -1.17 -7.38
C TYR A 24 5.90 -2.26 -7.85
N PHE A 25 6.68 -1.98 -8.89
CA PHE A 25 7.47 -3.03 -9.51
C PHE A 25 8.56 -3.58 -8.59
N GLU A 26 9.23 -2.71 -7.83
N GLU A 26 9.25 -2.72 -7.84
CA GLU A 26 10.31 -3.18 -6.97
CA GLU A 26 10.31 -3.24 -6.97
C GLU A 26 9.76 -3.96 -5.77
C GLU A 26 9.75 -4.00 -5.79
N SER A 27 8.64 -3.55 -5.24
CA SER A 27 8.05 -4.30 -4.13
C SER A 27 7.50 -5.64 -4.62
N LYS A 28 6.91 -5.64 -5.81
CA LYS A 28 6.31 -6.85 -6.35
C LYS A 28 7.37 -7.96 -6.49
N LYS A 29 8.55 -7.60 -6.98
N LYS A 29 8.55 -7.60 -6.99
CA LYS A 29 9.60 -8.60 -7.17
CA LYS A 29 9.61 -8.59 -7.16
C LYS A 29 9.99 -9.25 -5.84
C LYS A 29 9.94 -9.26 -5.83
N ILE A 30 10.10 -8.43 -4.80
CA ILE A 30 10.45 -8.92 -3.47
C ILE A 30 9.32 -9.76 -2.87
N PHE A 31 8.08 -9.29 -2.98
CA PHE A 31 6.95 -10.04 -2.46
C PHE A 31 6.86 -11.41 -3.13
N GLU A 32 6.97 -11.43 -4.46
N GLU A 32 6.86 -11.42 -4.46
CA GLU A 32 6.90 -12.70 -5.19
CA GLU A 32 6.60 -12.66 -5.17
C GLU A 32 8.01 -13.65 -4.79
C GLU A 32 7.72 -13.65 -4.91
N SER A 33 9.24 -13.16 -4.79
N SER A 33 8.96 -13.18 -4.85
CA SER A 33 10.38 -14.00 -4.44
CA SER A 33 10.09 -14.06 -4.55
C SER A 33 10.19 -14.64 -3.07
C SER A 33 9.95 -14.72 -3.17
N ALA A 34 9.46 -13.96 -2.19
CA ALA A 34 9.22 -14.47 -0.86
C ALA A 34 8.02 -15.41 -0.76
N GLY A 35 7.31 -15.62 -1.87
CA GLY A 35 6.17 -16.52 -1.89
C GLY A 35 4.81 -15.85 -1.73
N TYR A 36 4.78 -14.51 -1.81
CA TYR A 36 3.53 -13.75 -1.69
C TYR A 36 3.06 -13.35 -3.08
N LYS A 37 1.98 -13.97 -3.53
N LYS A 37 2.03 -14.02 -3.56
CA LYS A 37 1.39 -13.62 -4.82
CA LYS A 37 1.40 -13.66 -4.83
C LYS A 37 0.58 -12.36 -4.72
C LYS A 37 0.77 -12.29 -4.66
N THR A 38 0.71 -11.52 -5.74
CA THR A 38 0.12 -10.18 -5.68
C THR A 38 -1.01 -10.02 -6.67
N LYS A 39 -1.96 -9.17 -6.30
N LYS A 39 -1.96 -9.17 -6.30
CA LYS A 39 -3.00 -8.71 -7.19
CA LYS A 39 -3.03 -8.72 -7.19
C LYS A 39 -3.06 -7.20 -7.11
C LYS A 39 -3.19 -7.22 -7.07
N VAL A 40 -3.56 -6.58 -8.17
CA VAL A 40 -3.77 -5.14 -8.21
C VAL A 40 -5.26 -4.84 -8.23
N SER A 41 -5.69 -3.94 -7.33
CA SER A 41 -7.02 -3.34 -7.40
C SER A 41 -6.93 -1.87 -7.77
N SER A 42 -7.91 -1.43 -8.53
CA SER A 42 -7.98 -0.05 -8.98
C SER A 42 -9.42 0.25 -9.38
N THR A 43 -9.59 1.30 -10.18
CA THR A 43 -10.91 1.81 -10.50
C THR A 43 -11.53 1.19 -11.74
N PHE A 44 -10.78 0.41 -12.49
CA PHE A 44 -11.29 -0.27 -13.68
C PHE A 44 -10.50 -1.56 -13.88
N ILE A 45 -11.07 -2.50 -14.63
CA ILE A 45 -10.36 -3.73 -14.99
C ILE A 45 -9.69 -3.50 -16.33
N GLY A 46 -8.38 -3.61 -16.38
CA GLY A 46 -7.66 -3.39 -17.61
C GLY A 46 -6.22 -3.00 -17.31
N THR A 47 -5.57 -2.36 -18.26
CA THR A 47 -4.14 -2.10 -18.15
C THR A 47 -3.87 -0.78 -17.46
N ALA A 48 -3.11 -0.85 -16.38
CA ALA A 48 -2.62 0.33 -15.66
C ALA A 48 -1.28 0.78 -16.24
N GLN A 49 -1.01 2.08 -16.14
CA GLN A 49 0.28 2.60 -16.63
C GLN A 49 0.88 3.55 -15.61
N GLY A 50 2.14 3.30 -15.26
CA GLY A 50 2.82 4.09 -14.26
C GLY A 50 3.23 5.44 -14.80
N LYS A 51 3.57 6.34 -13.88
CA LYS A 51 4.14 7.62 -14.25
C LYS A 51 5.29 7.49 -15.25
N LEU A 52 6.13 6.47 -15.08
CA LEU A 52 7.32 6.31 -15.89
C LEU A 52 7.11 5.35 -17.06
N GLY A 53 5.86 4.99 -17.33
CA GLY A 53 5.50 4.20 -18.50
C GLY A 53 5.36 2.70 -18.30
N GLY A 54 5.65 2.20 -17.11
CA GLY A 54 5.53 0.77 -16.88
C GLY A 54 4.09 0.29 -16.75
N MSE A 55 3.75 -0.80 -17.43
N MSE A 55 3.74 -0.78 -17.47
CA MSE A 55 2.38 -1.29 -17.46
CA MSE A 55 2.35 -1.24 -17.47
C MSE A 55 2.20 -2.52 -16.60
C MSE A 55 2.16 -2.53 -16.69
O MSE A 55 3.12 -3.31 -16.39
O MSE A 55 3.06 -3.37 -16.61
CB MSE A 55 1.94 -1.55 -18.89
CB MSE A 55 1.84 -1.38 -18.91
CG MSE A 55 1.60 -0.27 -19.64
CG MSE A 55 1.89 -0.08 -19.71
SE MSE A 55 1.26 -0.52 -21.52
SE MSE A 55 1.24 -0.32 -21.52
CE MSE A 55 3.09 -0.89 -22.01
CE MSE A 55 2.55 -1.62 -22.10
N THR A 56 0.97 -2.68 -16.11
CA THR A 56 0.60 -3.90 -15.44
C THR A 56 -0.91 -4.04 -15.50
N ASN A 57 -1.45 -5.24 -15.43
N ASN A 57 -1.38 -5.25 -15.26
CA ASN A 57 -2.91 -5.32 -15.46
CA ASN A 57 -2.79 -5.57 -15.23
C ASN A 57 -3.52 -5.27 -14.06
C ASN A 57 -3.46 -5.14 -13.91
N ILE A 58 -4.69 -4.65 -14.02
CA ILE A 58 -5.52 -4.52 -12.83
C ILE A 58 -6.41 -5.75 -12.76
N ASP A 59 -6.30 -6.49 -11.67
CA ASP A 59 -7.05 -7.73 -11.47
C ASP A 59 -8.46 -7.53 -10.95
N LEU A 60 -8.65 -6.51 -10.11
CA LEU A 60 -9.85 -6.36 -9.31
C LEU A 60 -10.26 -4.89 -9.25
N LEU A 61 -11.57 -4.65 -9.23
CA LEU A 61 -12.08 -3.37 -8.80
C LEU A 61 -11.96 -3.29 -7.28
N PHE A 62 -11.86 -2.07 -6.72
CA PHE A 62 -11.93 -1.95 -5.26
C PHE A 62 -13.15 -2.69 -4.72
N SER A 63 -14.26 -2.56 -5.42
CA SER A 63 -15.51 -3.13 -4.98
C SER A 63 -15.54 -4.65 -4.98
N GLU A 64 -14.57 -5.28 -5.64
CA GLU A 64 -14.46 -6.74 -5.71
C GLU A 64 -13.54 -7.33 -4.68
N VAL A 65 -12.91 -6.49 -3.86
CA VAL A 65 -11.95 -6.98 -2.90
C VAL A 65 -12.62 -7.65 -1.72
N ASP A 66 -12.14 -8.86 -1.40
N ASP A 66 -12.17 -8.87 -1.42
CA ASP A 66 -12.56 -9.59 -0.22
CA ASP A 66 -12.58 -9.57 -0.20
C ASP A 66 -11.32 -9.76 0.65
C ASP A 66 -11.34 -9.77 0.66
N ALA A 67 -11.35 -9.17 1.84
CA ALA A 67 -10.19 -9.23 2.73
C ALA A 67 -9.75 -10.64 3.11
N VAL A 68 -10.68 -11.60 3.08
N VAL A 68 -10.67 -11.61 3.05
CA VAL A 68 -10.36 -12.97 3.46
CA VAL A 68 -10.32 -13.00 3.35
C VAL A 68 -9.35 -13.60 2.51
C VAL A 68 -9.28 -13.58 2.39
N GLU A 69 -9.20 -13.01 1.33
N GLU A 69 -9.19 -13.01 1.19
CA GLU A 69 -8.32 -13.57 0.30
CA GLU A 69 -8.29 -13.52 0.17
C GLU A 69 -6.90 -13.02 0.33
C GLU A 69 -6.84 -13.06 0.36
N PHE A 70 -6.60 -12.15 1.29
CA PHE A 70 -5.30 -11.48 1.35
C PHE A 70 -4.75 -11.39 2.78
N ASP A 71 -3.43 -11.36 2.90
CA ASP A 71 -2.78 -11.14 4.19
C ASP A 71 -2.46 -9.68 4.46
N ALA A 72 -2.39 -8.87 3.41
CA ALA A 72 -1.94 -7.48 3.50
C ALA A 72 -2.53 -6.71 2.34
N VAL A 73 -2.69 -5.41 2.57
CA VAL A 73 -2.96 -4.45 1.51
C VAL A 73 -1.81 -3.45 1.47
N VAL A 74 -1.42 -3.06 0.27
CA VAL A 74 -0.34 -2.10 0.03
C VAL A 74 -0.86 -0.95 -0.82
N PHE A 75 -0.86 0.24 -0.24
CA PHE A 75 -1.26 1.46 -0.93
C PHE A 75 -0.04 2.09 -1.60
N VAL A 76 -0.03 2.08 -2.93
CA VAL A 76 1.06 2.64 -3.71
C VAL A 76 0.77 4.10 -4.03
N GLY A 77 1.81 4.92 -4.04
CA GLY A 77 1.71 6.33 -4.31
C GLY A 77 1.88 6.70 -5.78
N GLY A 78 2.61 7.79 -5.98
CA GLY A 78 2.72 8.44 -7.28
C GLY A 78 1.72 9.57 -7.39
N ILE A 79 1.98 10.45 -8.35
CA ILE A 79 1.09 11.60 -8.54
C ILE A 79 -0.35 11.17 -8.82
N GLY A 80 -0.55 10.03 -9.49
CA GLY A 80 -1.90 9.56 -9.72
C GLY A 80 -2.67 9.21 -8.46
N CYS A 81 -1.95 8.90 -7.37
CA CYS A 81 -2.60 8.53 -6.12
C CYS A 81 -3.44 9.67 -5.55
N ILE A 82 -3.10 10.91 -5.88
CA ILE A 82 -3.81 12.05 -5.32
C ILE A 82 -5.31 11.96 -5.62
N THR A 83 -5.65 11.36 -6.76
CA THR A 83 -7.04 11.16 -7.15
C THR A 83 -7.80 10.21 -6.22
N LEU A 84 -7.07 9.42 -5.42
CA LEU A 84 -7.64 8.44 -4.51
C LEU A 84 -7.61 8.86 -3.05
N TRP A 85 -6.99 9.99 -2.75
CA TRP A 85 -6.79 10.41 -1.37
C TRP A 85 -8.09 10.61 -0.60
N ASP A 86 -9.09 11.19 -1.27
CA ASP A 86 -10.37 11.49 -0.64
C ASP A 86 -11.47 10.51 -1.04
N ASP A 87 -11.08 9.35 -1.57
CA ASP A 87 -12.05 8.39 -2.06
C ASP A 87 -12.49 7.47 -0.93
N TRP A 88 -13.80 7.39 -0.71
CA TRP A 88 -14.32 6.55 0.35
C TRP A 88 -14.00 5.07 0.15
N ARG A 89 -13.80 4.64 -1.09
CA ARG A 89 -13.53 3.22 -1.35
C ARG A 89 -12.13 2.84 -0.89
N THR A 90 -11.13 3.65 -1.22
CA THR A 90 -9.77 3.31 -0.83
C THR A 90 -9.60 3.45 0.69
N GLN A 91 -10.21 4.48 1.26
CA GLN A 91 -10.21 4.62 2.72
C GLN A 91 -10.93 3.43 3.35
N GLY A 92 -12.03 3.00 2.73
CA GLY A 92 -12.79 1.88 3.23
C GLY A 92 -11.96 0.59 3.23
N LEU A 93 -11.15 0.39 2.21
CA LEU A 93 -10.28 -0.79 2.20
C LEU A 93 -9.21 -0.72 3.29
N ALA A 94 -8.67 0.46 3.56
CA ALA A 94 -7.70 0.60 4.64
C ALA A 94 -8.33 0.16 5.97
N LYS A 95 -9.54 0.63 6.24
N LYS A 95 -9.53 0.63 6.22
CA LYS A 95 -10.22 0.30 7.47
CA LYS A 95 -10.25 0.31 7.46
C LYS A 95 -10.60 -1.18 7.52
C LYS A 95 -10.63 -1.17 7.52
N LEU A 96 -11.06 -1.71 6.38
CA LEU A 96 -11.46 -3.11 6.28
C LEU A 96 -10.31 -4.03 6.65
N PHE A 97 -9.14 -3.77 6.07
CA PHE A 97 -7.98 -4.61 6.34
C PHE A 97 -7.53 -4.46 7.79
N LEU A 98 -7.51 -3.21 8.29
CA LEU A 98 -7.10 -3.01 9.69
C LEU A 98 -8.03 -3.78 10.64
N ASP A 99 -9.34 -3.64 10.42
CA ASP A 99 -10.33 -4.25 11.32
C ASP A 99 -10.31 -5.77 11.27
N ASN A 100 -9.84 -6.32 10.16
CA ASN A 100 -9.74 -7.77 10.01
C ASN A 100 -8.36 -8.29 10.37
N GLN A 101 -7.60 -7.48 11.10
N GLN A 101 -7.60 -7.47 11.08
CA GLN A 101 -6.31 -7.89 11.66
CA GLN A 101 -6.32 -7.88 11.65
C GLN A 101 -5.31 -8.27 10.57
C GLN A 101 -5.29 -8.23 10.59
N LYS A 102 -5.41 -7.61 9.42
CA LYS A 102 -4.42 -7.79 8.35
C LYS A 102 -3.36 -6.70 8.42
N ILE A 103 -2.32 -6.89 7.62
CA ILE A 103 -1.29 -5.87 7.50
C ILE A 103 -1.79 -4.76 6.58
N VAL A 104 -1.59 -3.52 6.99
CA VAL A 104 -1.98 -2.36 6.21
C VAL A 104 -0.72 -1.55 5.97
N ALA A 105 -0.31 -1.48 4.70
CA ALA A 105 0.97 -0.90 4.37
C ALA A 105 0.79 0.19 3.32
N GLY A 106 1.58 1.25 3.40
CA GLY A 106 1.54 2.29 2.40
C GLY A 106 2.93 2.85 2.16
N ILE A 107 3.15 3.31 0.94
CA ILE A 107 4.43 3.89 0.57
C ILE A 107 4.21 5.18 -0.19
N GLY A 108 5.03 6.17 0.13
CA GLY A 108 4.92 7.46 -0.52
C GLY A 108 3.51 8.01 -0.37
N SER A 109 2.96 8.54 -1.45
CA SER A 109 1.64 9.16 -1.40
C SER A 109 0.52 8.19 -1.00
N GLY A 110 0.75 6.88 -1.08
CA GLY A 110 -0.24 5.94 -0.60
C GLY A 110 -0.56 6.10 0.89
N VAL A 111 0.41 6.59 1.67
CA VAL A 111 0.20 6.77 3.10
C VAL A 111 -0.94 7.76 3.38
N VAL A 112 -1.14 8.75 2.49
CA VAL A 112 -2.20 9.72 2.69
C VAL A 112 -3.59 9.09 2.73
N ILE A 113 -3.81 8.03 1.94
CA ILE A 113 -5.10 7.33 1.99
C ILE A 113 -5.34 6.81 3.41
N MSE A 114 -4.32 6.18 3.97
CA MSE A 114 -4.41 5.65 5.33
C MSE A 114 -4.64 6.76 6.37
O MSE A 114 -5.48 6.61 7.28
CB MSE A 114 -3.15 4.84 5.63
CG MSE A 114 -3.04 3.59 4.75
SE MSE A 114 -1.24 2.85 4.61
CE MSE A 114 -0.88 2.41 6.47
N ALA A 115 -3.94 7.87 6.21
CA ALA A 115 -4.12 8.99 7.12
C ALA A 115 -5.55 9.51 7.05
N ASN A 116 -6.05 9.69 5.82
CA ASN A 116 -7.39 10.21 5.62
C ASN A 116 -8.48 9.23 6.08
N ALA A 117 -8.18 7.95 6.10
CA ALA A 117 -9.08 6.93 6.63
C ALA A 117 -9.13 6.91 8.16
N LYS A 118 -8.30 7.75 8.80
N LYS A 118 -8.28 7.73 8.78
CA LYS A 118 -8.23 7.86 10.27
CA LYS A 118 -8.22 7.91 10.24
C LYS A 118 -7.72 6.60 10.93
C LYS A 118 -7.52 6.75 10.98
N ILE A 119 -6.87 5.87 10.24
CA ILE A 119 -6.24 4.70 10.85
C ILE A 119 -4.83 4.97 11.35
N LEU A 120 -4.35 6.20 11.18
CA LEU A 120 -3.00 6.55 11.61
C LEU A 120 -3.00 7.49 12.82
N GLU A 121 -4.15 7.73 13.44
CA GLU A 121 -4.19 8.62 14.59
C GLU A 121 -3.34 8.07 15.72
N GLU A 122 -2.37 8.86 16.19
CA GLU A 122 -1.48 8.48 17.27
C GLU A 122 -0.55 7.32 16.90
N ILE A 123 -0.37 7.07 15.60
CA ILE A 123 0.49 6.01 15.11
C ILE A 123 1.78 6.59 14.54
N ASN A 124 2.91 5.93 14.83
CA ASN A 124 4.19 6.32 14.24
C ASN A 124 4.28 5.85 12.80
N VAL A 125 4.62 6.79 11.91
CA VAL A 125 4.66 6.53 10.48
C VAL A 125 5.78 7.31 9.84
N THR A 126 6.03 7.02 8.57
CA THR A 126 6.74 7.95 7.73
C THR A 126 5.92 8.14 6.44
N CYS A 127 6.36 9.06 5.59
CA CYS A 127 5.57 9.43 4.43
C CYS A 127 6.43 10.26 3.50
N LEU A 128 5.89 10.55 2.33
CA LEU A 128 6.57 11.41 1.39
C LEU A 128 6.68 12.79 2.03
N SER A 129 7.87 13.37 1.96
CA SER A 129 8.10 14.66 2.57
C SER A 129 7.06 15.72 2.17
N ALA A 130 6.72 15.77 0.90
CA ALA A 130 5.74 16.72 0.39
C ALA A 130 4.34 16.55 0.99
N ASP A 131 4.05 15.37 1.54
CA ASP A 131 2.72 15.04 2.01
C ASP A 131 2.58 15.16 3.52
N GLU A 132 3.57 15.69 4.21
N GLU A 132 3.60 15.73 4.18
CA GLU A 132 3.51 15.67 5.67
CA GLU A 132 3.67 15.99 5.64
C GLU A 132 2.33 16.51 6.25
C GLU A 132 2.33 16.48 6.17
N SER A 133 1.85 17.53 5.54
CA SER A 133 0.66 18.24 5.98
C SER A 133 -0.52 17.28 6.17
N HIS A 134 -0.78 16.46 5.16
CA HIS A 134 -1.95 15.58 5.20
C HIS A 134 -1.81 14.52 6.29
N VAL A 135 -0.58 14.02 6.42
CA VAL A 135 -0.34 12.95 7.37
C VAL A 135 -0.42 13.46 8.81
N ARG A 136 0.15 14.64 9.08
CA ARG A 136 0.00 15.24 10.39
C ARG A 136 -1.45 15.60 10.68
N HIS A 137 -2.20 16.01 9.65
CA HIS A 137 -3.61 16.33 9.86
C HIS A 137 -4.40 15.12 10.36
N GLY A 138 -3.98 13.93 9.94
CA GLY A 138 -4.54 12.68 10.43
C GLY A 138 -4.00 12.20 11.78
N ASN A 139 -3.32 13.09 12.50
CA ASN A 139 -2.86 12.84 13.88
C ASN A 139 -1.75 11.80 13.98
N ALA A 140 -1.08 11.49 12.87
CA ALA A 140 0.04 10.58 12.90
C ALA A 140 1.30 11.28 13.41
N ASN A 141 2.27 10.48 13.87
CA ASN A 141 3.58 11.00 14.26
C ASN A 141 4.57 10.66 13.16
N ILE A 142 5.20 11.68 12.59
CA ILE A 142 6.13 11.45 11.50
C ILE A 142 7.54 11.18 12.05
N MSE A 143 7.99 9.95 11.82
N MSE A 143 8.06 10.00 11.77
CA MSE A 143 9.31 9.50 12.22
CA MSE A 143 9.39 9.62 12.25
C MSE A 143 10.31 9.92 11.19
C MSE A 143 10.45 9.89 11.18
O MSE A 143 10.00 10.01 10.01
O MSE A 143 10.17 9.77 9.99
CB MSE A 143 9.35 7.97 12.33
CB MSE A 143 9.40 8.15 12.64
CG MSE A 143 8.40 7.34 13.34
CG MSE A 143 8.16 7.68 13.38
SE MSE A 143 8.72 7.85 15.20
SE MSE A 143 7.77 8.64 15.02
CE MSE A 143 7.48 9.35 15.28
CE MSE A 143 9.25 7.92 16.09
N SER A 144 11.55 10.13 11.62
N SER A 144 11.66 10.22 11.61
CA SER A 144 12.66 10.46 10.75
CA SER A 144 12.79 10.46 10.72
C SER A 144 13.30 9.16 10.28
C SER A 144 13.36 9.14 10.23
N GLU A 145 12.58 8.40 9.46
CA GLU A 145 13.00 7.09 8.99
C GLU A 145 12.46 6.86 7.59
N ASN A 146 13.12 5.97 6.86
CA ASN A 146 12.66 5.57 5.53
C ASN A 146 11.48 4.61 5.57
N VAL A 147 11.43 3.75 6.59
CA VAL A 147 10.38 2.75 6.76
C VAL A 147 10.06 2.68 8.24
N VAL A 148 8.78 2.54 8.58
CA VAL A 148 8.35 2.42 9.98
C VAL A 148 7.35 1.29 10.10
N VAL A 149 7.65 0.34 10.98
CA VAL A 149 6.73 -0.73 11.32
C VAL A 149 6.10 -0.42 12.67
N SER A 150 4.78 -0.32 12.70
CA SER A 150 4.03 -0.03 13.92
C SER A 150 2.94 -1.09 14.05
N GLY A 151 3.28 -2.23 14.65
CA GLY A 151 2.36 -3.34 14.71
C GLY A 151 2.03 -3.86 13.32
N ASN A 152 0.75 -3.84 12.97
CA ASN A 152 0.31 -4.31 11.65
C ASN A 152 0.34 -3.21 10.58
N ILE A 153 0.75 -2.00 10.96
CA ILE A 153 0.83 -0.88 10.03
C ILE A 153 2.28 -0.70 9.61
N VAL A 154 2.53 -0.60 8.31
CA VAL A 154 3.88 -0.39 7.79
C VAL A 154 3.82 0.77 6.80
N THR A 155 4.71 1.75 6.96
CA THR A 155 4.74 2.88 6.06
C THR A 155 6.17 3.12 5.58
N ALA A 156 6.30 3.77 4.42
CA ALA A 156 7.58 4.13 3.87
C ALA A 156 7.49 5.44 3.13
N ASN A 157 8.63 6.09 2.94
CA ASN A 157 8.65 7.49 2.54
C ASN A 157 8.72 7.79 1.04
N GLY A 158 8.54 6.79 0.18
CA GLY A 158 8.50 7.03 -1.25
C GLY A 158 9.37 6.08 -2.03
N PRO A 159 9.59 6.39 -3.32
CA PRO A 159 10.16 5.40 -4.22
C PRO A 159 11.59 5.00 -3.89
N THR A 160 12.35 5.89 -3.22
N THR A 160 12.36 5.87 -3.25
CA THR A 160 13.73 5.57 -2.83
CA THR A 160 13.73 5.50 -2.90
C THR A 160 13.79 4.48 -1.76
C THR A 160 13.75 4.35 -1.89
N SER A 161 12.66 4.20 -1.14
CA SER A 161 12.59 3.20 -0.07
C SER A 161 11.78 1.96 -0.45
N SER A 162 11.53 1.76 -1.74
CA SER A 162 10.67 0.66 -2.18
C SER A 162 11.13 -0.72 -1.71
N LYS A 163 12.42 -0.99 -1.86
CA LYS A 163 12.93 -2.31 -1.47
C LYS A 163 12.94 -2.50 0.04
N ASP A 164 13.38 -1.49 0.77
CA ASP A 164 13.35 -1.56 2.23
C ASP A 164 11.92 -1.76 2.75
N PHE A 165 10.97 -1.07 2.13
CA PHE A 165 9.56 -1.18 2.47
C PHE A 165 9.10 -2.62 2.25
N ALA A 166 9.33 -3.15 1.05
CA ALA A 166 8.88 -4.51 0.75
C ALA A 166 9.50 -5.53 1.70
N ASN A 167 10.81 -5.39 1.97
CA ASN A 167 11.45 -6.31 2.90
C ASN A 167 10.83 -6.23 4.30
N ALA A 168 10.48 -5.02 4.74
CA ALA A 168 9.84 -4.86 6.05
C ALA A 168 8.47 -5.52 6.10
N VAL A 169 7.68 -5.36 5.02
CA VAL A 169 6.38 -6.00 4.93
C VAL A 169 6.52 -7.53 4.96
N VAL A 170 7.46 -8.06 4.18
CA VAL A 170 7.71 -9.51 4.19
C VAL A 170 8.09 -9.97 5.60
N GLY A 171 8.92 -9.21 6.31
CA GLY A 171 9.29 -9.57 7.66
C GLY A 171 8.09 -9.69 8.59
N VAL A 172 7.16 -8.74 8.50
CA VAL A 172 5.95 -8.82 9.31
C VAL A 172 5.10 -10.03 8.91
N LEU A 173 4.91 -10.23 7.61
CA LEU A 173 4.10 -11.34 7.15
C LEU A 173 4.70 -12.70 7.51
N ASN A 174 6.01 -12.83 7.43
CA ASN A 174 6.64 -14.12 7.69
C ASN A 174 6.56 -14.54 9.15
N SER A 175 6.25 -13.59 10.03
CA SER A 175 6.05 -13.95 11.42
C SER A 175 4.63 -14.46 11.71
N LEU A 176 3.79 -14.50 10.67
CA LEU A 176 2.43 -15.03 10.78
C LEU A 176 2.32 -16.44 10.21
N SER A 177 1.36 -17.20 10.71
CA SER A 177 1.07 -18.53 10.17
C SER A 177 -0.40 -18.67 9.83
MG MG B . -10.17 12.91 17.48
MG MG C . -0.59 14.39 18.15
MG MG D . -9.99 16.75 8.37
CL CL E . -14.61 0.07 -7.44
C FMT F . -1.39 -7.60 -11.61
O1 FMT F . -1.29 -8.55 -10.80
O2 FMT F . -0.92 -7.50 -12.76
#